data_8FUW
#
_entry.id   8FUW
#
_cell.length_a   64.380
_cell.length_b   64.380
_cell.length_c   139.200
_cell.angle_alpha   90.000
_cell.angle_beta   90.000
_cell.angle_gamma   120.000
#
_symmetry.space_group_name_H-M   'P 31 2 1'
#
loop_
_entity.id
_entity.type
_entity.pdbx_description
1 polymer 'Capsule polysaccharide export protein KpsC'
2 non-polymer "CYTIDINE-5'-MONOPHOSPHATE"
3 non-polymer '3-deoxy-alpha-D-manno-oct-2-ulopyranosonic acid'
4 non-polymer 'CHLORIDE ION'
5 water water
#
_entity_poly.entity_id   1
_entity_poly.type   'polypeptide(L)'
_entity_poly.pdbx_seq_one_letter_code
;MGIGIYSPGIWRIPHLEKFLAQPCQKLSLLRPVPQEVNAIAVWGHRPSAAKPVAIAKAAGKPVIRLEDGFVRSLDLGVNG
EPPLSLVVDDCGIYYDASKPSALEKLVQDKAGNTALISQAREAMHTIVTGDMSKYNLAPAFVADESERTNIVLVVDQTFN
NMSVTYGNAGPHEFAAMLEAAMAENPQAEIWVKVHPDVLEGKKTGYFADLRATQRVRLIAENVSPQSLLRHVSRVYVVTS
QYGFEALLAGKPVTCFGQPWYASWGLTDDRHPQSALLSARRGSATLEELFAAAYLRYCRYIDPQTGEVSDLFTVLQWLQL
QRRHHHHHH
;
_entity_poly.pdbx_strand_id   A
#
loop_
_chem_comp.id
_chem_comp.type
_chem_comp.name
_chem_comp.formula
C5P non-polymer CYTIDINE-5'-MONOPHOSPHATE 'C9 H14 N3 O8 P'
CL non-polymer 'CHLORIDE ION' 'Cl -1'
KDO D-saccharide, alpha linking '3-deoxy-alpha-D-manno-oct-2-ulopyranosonic acid' 'C8 H14 O8'
#
# COMPACT_ATOMS: atom_id res chain seq x y z
N GLY A 2 -4.90 23.89 -12.33
CA GLY A 2 -3.96 24.58 -11.40
C GLY A 2 -2.75 23.74 -11.04
N ILE A 3 -2.85 22.43 -11.27
CA ILE A 3 -1.77 21.49 -10.94
C ILE A 3 -1.00 21.18 -12.22
N GLY A 4 0.31 21.31 -12.15
CA GLY A 4 1.18 21.03 -13.28
C GLY A 4 1.72 19.62 -13.20
N ILE A 5 1.73 18.93 -14.34
CA ILE A 5 2.24 17.58 -14.44
C ILE A 5 3.28 17.52 -15.57
N TYR A 6 4.45 16.96 -15.26
CA TYR A 6 5.48 16.70 -16.24
C TYR A 6 5.46 15.29 -16.78
N SER A 7 5.07 14.32 -15.96
CA SER A 7 5.15 12.92 -16.34
C SER A 7 4.08 12.58 -17.38
N PRO A 8 4.46 12.14 -18.57
CA PRO A 8 3.46 11.68 -19.53
C PRO A 8 2.71 10.47 -19.01
N GLY A 9 3.37 9.61 -18.24
CA GLY A 9 2.68 8.47 -17.64
C GLY A 9 1.53 8.90 -16.76
N ILE A 10 1.75 9.94 -15.95
CA ILE A 10 0.67 10.48 -15.13
C ILE A 10 -0.39 11.13 -16.01
N TRP A 11 0.07 12.00 -16.92
CA TRP A 11 -0.85 12.69 -17.83
C TRP A 11 -1.79 11.72 -18.52
N ARG A 12 -1.39 10.45 -18.64
CA ARG A 12 -2.03 9.45 -19.46
C ARG A 12 -3.02 8.59 -18.68
N ILE A 13 -3.13 8.77 -17.36
CA ILE A 13 -4.02 7.97 -16.54
C ILE A 13 -5.47 8.28 -16.89
N PRO A 14 -6.29 7.30 -17.28
CA PRO A 14 -7.69 7.60 -17.62
C PRO A 14 -8.39 8.27 -16.45
N HIS A 15 -9.20 9.29 -16.79
CA HIS A 15 -10.02 10.01 -15.83
C HIS A 15 -9.16 10.62 -14.72
N LEU A 16 -7.92 10.93 -15.04
CA LEU A 16 -7.01 11.51 -14.06
C LEU A 16 -7.62 12.74 -13.41
N GLU A 17 -8.34 13.55 -14.20
CA GLU A 17 -8.89 14.79 -13.66
C GLU A 17 -9.97 14.51 -12.63
N LYS A 18 -10.68 13.39 -12.76
CA LYS A 18 -11.67 13.01 -11.75
C LYS A 18 -11.01 12.59 -10.44
N PHE A 19 -9.78 12.06 -10.49
CA PHE A 19 -9.06 11.75 -9.26
C PHE A 19 -8.58 13.02 -8.56
N LEU A 20 -8.09 13.99 -9.34
CA LEU A 20 -7.48 15.19 -8.77
C LEU A 20 -8.50 16.24 -8.36
N ALA A 21 -9.71 16.21 -8.92
CA ALA A 21 -10.79 17.14 -8.56
C ALA A 21 -10.42 18.59 -8.83
N GLN A 22 -9.46 18.81 -9.73
CA GLN A 22 -8.88 20.10 -10.02
C GLN A 22 -8.40 20.10 -11.46
N PRO A 23 -8.41 21.25 -12.13
CA PRO A 23 -7.84 21.31 -13.48
C PRO A 23 -6.36 20.97 -13.46
N CYS A 24 -5.91 20.26 -14.50
CA CYS A 24 -4.52 19.87 -14.62
C CYS A 24 -4.00 20.30 -15.98
N GLN A 25 -2.69 20.56 -16.05
CA GLN A 25 -2.07 21.02 -17.28
C GLN A 25 -0.69 20.41 -17.40
N LYS A 26 -0.30 20.15 -18.65
CA LYS A 26 0.98 19.52 -18.94
C LYS A 26 2.08 20.58 -18.93
N LEU A 27 3.18 20.26 -18.25
CA LEU A 27 4.31 21.16 -18.15
C LEU A 27 5.51 20.51 -18.81
N SER A 28 6.39 21.33 -19.36
CA SER A 28 7.66 20.90 -19.94
C SER A 28 8.81 21.27 -19.02
N LEU A 29 9.76 20.35 -18.87
CA LEU A 29 10.97 20.65 -18.11
C LEU A 29 11.78 21.78 -18.77
N LEU A 30 11.50 22.08 -20.02
CA LEU A 30 12.32 23.00 -20.81
C LEU A 30 11.85 24.45 -20.74
N ARG A 31 11.00 24.78 -19.76
CA ARG A 31 10.56 26.16 -19.63
C ARG A 31 10.00 26.36 -18.23
N PRO A 32 9.98 27.60 -17.74
CA PRO A 32 9.65 27.83 -16.33
C PRO A 32 8.26 27.33 -15.97
N VAL A 33 8.08 27.05 -14.70
CA VAL A 33 6.73 26.74 -14.21
C VAL A 33 5.88 28.00 -14.31
N PRO A 34 4.69 27.94 -14.95
CA PRO A 34 3.84 29.13 -15.00
C PRO A 34 3.40 29.57 -13.62
N GLN A 35 3.21 30.88 -13.45
CA GLN A 35 2.70 31.36 -12.17
C GLN A 35 1.31 30.78 -11.87
N GLU A 36 0.53 30.47 -12.91
CA GLU A 36 -0.81 29.92 -12.71
C GLU A 36 -0.77 28.63 -11.90
N VAL A 37 0.30 27.85 -12.06
CA VAL A 37 0.42 26.57 -11.37
C VAL A 37 0.53 26.84 -9.88
N ASN A 38 -0.38 26.26 -9.11
CA ASN A 38 -0.29 26.35 -7.66
C ASN A 38 0.34 25.12 -7.01
N ALA A 39 0.64 24.08 -7.80
CA ALA A 39 1.33 22.91 -7.28
C ALA A 39 1.76 22.00 -8.42
N ILE A 40 2.75 21.17 -8.15
CA ILE A 40 3.29 20.23 -9.12
C ILE A 40 3.08 18.83 -8.58
N ALA A 41 2.58 17.95 -9.43
CA ALA A 41 2.26 16.59 -9.02
C ALA A 41 3.20 15.60 -9.70
N VAL A 42 3.69 14.63 -8.92
CA VAL A 42 4.60 13.60 -9.40
C VAL A 42 4.10 12.25 -8.90
N TRP A 43 4.79 11.19 -9.34
CA TRP A 43 4.41 9.82 -8.97
C TRP A 43 5.33 9.34 -7.85
N GLY A 44 4.79 9.23 -6.64
CA GLY A 44 5.59 8.72 -5.52
C GLY A 44 6.98 9.33 -5.53
N HIS A 45 8.02 8.49 -5.49
CA HIS A 45 9.43 8.87 -5.65
C HIS A 45 10.04 8.19 -6.86
N ARG A 46 9.27 8.02 -7.92
CA ARG A 46 9.81 7.57 -9.19
C ARG A 46 11.04 8.42 -9.52
N PRO A 47 12.02 7.88 -10.24
CA PRO A 47 13.17 8.72 -10.63
C PRO A 47 12.78 9.96 -11.40
N SER A 48 11.69 9.91 -12.16
CA SER A 48 11.24 11.07 -12.93
C SER A 48 10.76 12.22 -12.04
N ALA A 49 10.43 11.94 -10.77
CA ALA A 49 9.97 12.99 -9.87
C ALA A 49 11.06 13.96 -9.43
N ALA A 50 12.35 13.59 -9.54
CA ALA A 50 13.40 14.39 -8.93
C ALA A 50 13.51 15.77 -9.57
N LYS A 51 13.64 15.83 -10.90
CA LYS A 51 13.74 17.13 -11.56
C LYS A 51 12.53 18.03 -11.30
N PRO A 52 11.30 17.57 -11.46
CA PRO A 52 10.16 18.44 -11.12
C PRO A 52 10.14 18.86 -9.67
N VAL A 53 10.60 18.03 -8.73
CA VAL A 53 10.61 18.41 -7.33
C VAL A 53 11.55 19.59 -7.11
N ALA A 54 12.76 19.51 -7.68
CA ALA A 54 13.71 20.60 -7.54
C ALA A 54 13.17 21.87 -8.17
N ILE A 55 12.58 21.77 -9.36
CA ILE A 55 11.97 22.94 -9.99
C ILE A 55 10.94 23.57 -9.06
N ALA A 56 9.99 22.77 -8.55
CA ALA A 56 8.95 23.30 -7.69
C ALA A 56 9.55 24.01 -6.48
N LYS A 57 10.56 23.41 -5.86
CA LYS A 57 11.21 24.04 -4.72
C LYS A 57 11.74 25.42 -5.10
N ALA A 58 12.49 25.50 -6.22
CA ALA A 58 13.14 26.75 -6.59
C ALA A 58 12.16 27.84 -7.01
N ALA A 59 10.92 27.47 -7.34
CA ALA A 59 9.87 28.43 -7.63
C ALA A 59 8.90 28.60 -6.49
N GLY A 60 9.16 27.94 -5.36
CA GLY A 60 8.29 28.05 -4.20
C GLY A 60 6.94 27.40 -4.34
N LYS A 61 6.77 26.50 -5.34
CA LYS A 61 5.48 25.81 -5.44
C LYS A 61 5.53 24.49 -4.66
N PRO A 62 4.42 24.05 -4.09
CA PRO A 62 4.43 22.79 -3.34
C PRO A 62 4.28 21.59 -4.26
N VAL A 63 4.73 20.44 -3.75
CA VAL A 63 4.72 19.19 -4.49
C VAL A 63 3.58 18.32 -4.00
N ILE A 64 2.92 17.65 -4.93
CA ILE A 64 1.91 16.64 -4.63
C ILE A 64 2.49 15.32 -5.13
N ARG A 65 2.39 14.26 -4.32
CA ARG A 65 2.84 12.94 -4.70
C ARG A 65 1.66 12.00 -4.84
N LEU A 66 1.57 11.36 -6.01
CA LEU A 66 0.47 10.45 -6.32
C LEU A 66 0.93 8.99 -6.19
N GLU A 67 -0.03 8.07 -6.00
CA GLU A 67 0.27 6.65 -5.99
C GLU A 67 -1.03 5.90 -6.16
N ASP A 68 -0.94 4.60 -6.37
CA ASP A 68 -2.16 3.82 -6.50
C ASP A 68 -2.85 3.67 -5.15
N GLY A 69 -4.18 3.58 -5.20
CA GLY A 69 -4.99 3.28 -4.03
C GLY A 69 -4.74 1.90 -3.49
N PHE A 70 -5.41 1.59 -2.37
CA PHE A 70 -5.15 0.30 -1.71
C PHE A 70 -6.16 -0.74 -2.18
N VAL A 71 -7.23 -0.31 -2.85
CA VAL A 71 -8.13 -1.13 -3.65
C VAL A 71 -8.04 -0.54 -5.06
N ARG A 72 -7.19 -1.10 -5.91
CA ARG A 72 -6.81 -0.46 -7.16
C ARG A 72 -7.58 -0.93 -8.39
N SER A 73 -7.67 -2.23 -8.62
CA SER A 73 -8.20 -2.71 -9.89
C SER A 73 -8.37 -4.23 -9.84
N LEU A 74 -8.86 -4.78 -10.96
CA LEU A 74 -8.96 -6.21 -11.13
C LEU A 74 -7.59 -6.82 -11.30
N ASP A 75 -6.97 -6.55 -12.44
CA ASP A 75 -5.65 -7.06 -12.76
C ASP A 75 -4.59 -6.11 -12.24
N LEU A 76 -3.32 -6.49 -12.43
CA LEU A 76 -2.19 -5.77 -11.88
C LEU A 76 -1.85 -4.54 -12.72
N GLY A 77 -1.28 -3.53 -12.06
CA GLY A 77 -0.79 -2.36 -12.78
C GLY A 77 0.33 -2.68 -13.75
N VAL A 78 1.16 -3.68 -13.42
CA VAL A 78 2.23 -4.08 -14.33
C VAL A 78 1.69 -4.61 -15.67
N ASN A 79 0.42 -5.00 -15.71
CA ASN A 79 -0.21 -5.46 -16.95
C ASN A 79 -0.96 -4.34 -17.68
N GLY A 80 -0.81 -3.09 -17.23
CA GLY A 80 -1.39 -1.96 -17.93
C GLY A 80 -2.85 -1.71 -17.64
N GLU A 81 -3.40 -2.30 -16.59
CA GLU A 81 -4.78 -2.04 -16.21
C GLU A 81 -4.85 -0.66 -15.58
N PRO A 82 -5.76 0.22 -16.04
CA PRO A 82 -5.86 1.55 -15.44
C PRO A 82 -6.30 1.47 -13.99
N PRO A 83 -5.96 2.45 -13.16
CA PRO A 83 -6.36 2.42 -11.75
C PRO A 83 -7.78 2.90 -11.58
N LEU A 84 -8.45 2.30 -10.60
CA LEU A 84 -9.76 2.81 -10.17
C LEU A 84 -9.65 3.66 -8.91
N SER A 85 -8.48 3.71 -8.30
CA SER A 85 -8.24 4.53 -7.11
CA SER A 85 -8.24 4.54 -7.12
C SER A 85 -6.82 5.07 -7.15
N LEU A 86 -6.67 6.33 -6.75
CA LEU A 86 -5.36 6.93 -6.56
C LEU A 86 -5.32 7.52 -5.16
N VAL A 87 -4.11 7.68 -4.61
CA VAL A 87 -3.91 8.53 -3.44
C VAL A 87 -3.28 9.84 -3.88
N VAL A 88 -3.53 10.89 -3.11
CA VAL A 88 -3.12 12.26 -3.44
C VAL A 88 -2.55 12.81 -2.14
N ASP A 89 -1.24 13.03 -2.08
CA ASP A 89 -0.54 13.34 -0.84
C ASP A 89 0.21 14.67 -1.00
N ASP A 90 -0.23 15.69 -0.27
CA ASP A 90 0.34 17.02 -0.30
C ASP A 90 1.40 17.26 0.77
N CYS A 91 1.84 16.23 1.46
CA CYS A 91 2.85 16.38 2.49
CA CYS A 91 2.86 16.35 2.49
C CYS A 91 4.07 15.50 2.24
N GLY A 92 3.86 14.27 1.79
CA GLY A 92 4.92 13.32 1.56
C GLY A 92 4.31 12.21 0.74
N ILE A 93 4.49 10.98 1.15
CA ILE A 93 3.78 9.84 0.55
C ILE A 93 3.70 8.74 1.62
N TYR A 94 2.68 7.91 1.52
CA TYR A 94 2.29 7.07 2.65
C TYR A 94 3.43 6.17 3.08
N TYR A 95 4.19 5.65 2.11
CA TYR A 95 5.20 4.65 2.42
C TYR A 95 6.52 5.24 2.88
N ASP A 96 6.67 6.56 2.93
CA ASP A 96 7.92 7.20 3.37
C ASP A 96 7.82 7.47 4.86
N ALA A 97 8.50 6.65 5.66
CA ALA A 97 8.45 6.78 7.10
C ALA A 97 9.29 7.92 7.65
N SER A 98 10.09 8.60 6.81
CA SER A 98 11.07 9.56 7.32
C SER A 98 10.44 10.85 7.81
N LYS A 99 9.21 11.15 7.39
CA LYS A 99 8.50 12.35 7.85
C LYS A 99 7.00 12.11 7.70
N PRO A 100 6.17 12.96 8.32
CA PRO A 100 4.73 12.75 8.21
C PRO A 100 4.28 12.79 6.76
N SER A 101 3.29 11.95 6.46
CA SER A 101 2.61 11.97 5.19
C SER A 101 1.23 12.55 5.43
N ALA A 102 0.50 12.80 4.33
CA ALA A 102 -0.88 13.25 4.52
C ALA A 102 -1.71 12.15 5.17
N LEU A 103 -1.32 10.88 4.95
CA LEU A 103 -2.06 9.77 5.56
C LEU A 103 -1.83 9.73 7.06
N GLU A 104 -0.61 10.00 7.48
CA GLU A 104 -0.27 10.00 8.89
C GLU A 104 -1.04 11.07 9.63
N LYS A 105 -1.19 12.24 9.03
CA LYS A 105 -1.98 13.31 9.68
C LYS A 105 -3.49 13.06 9.66
N LEU A 106 -3.99 12.32 8.65
CA LEU A 106 -5.38 11.91 8.64
C LEU A 106 -5.63 10.85 9.72
N VAL A 107 -4.70 9.90 9.88
CA VAL A 107 -4.87 8.94 10.98
C VAL A 107 -4.96 9.67 12.31
N GLN A 108 -4.09 10.65 12.55
CA GLN A 108 -4.07 11.40 13.81
C GLN A 108 -5.28 12.29 14.00
N ASP A 109 -6.05 12.53 12.95
CA ASP A 109 -7.28 13.34 13.08
C ASP A 109 -8.39 12.36 13.46
N LYS A 110 -8.40 12.02 14.75
CA LYS A 110 -9.30 10.97 15.25
C LYS A 110 -10.76 11.35 15.05
N ALA A 111 -11.12 12.56 15.43
CA ALA A 111 -12.50 13.00 15.24
C ALA A 111 -13.00 12.74 13.82
N GLY A 112 -12.20 13.08 12.82
CA GLY A 112 -12.57 12.83 11.46
C GLY A 112 -12.70 11.36 11.10
N ASN A 113 -11.95 10.48 11.76
CA ASN A 113 -12.12 9.05 11.53
C ASN A 113 -13.30 8.48 12.31
N THR A 114 -13.58 9.01 13.49
CA THR A 114 -14.74 8.54 14.24
C THR A 114 -16.03 8.77 13.45
N ALA A 115 -16.09 9.84 12.65
CA ALA A 115 -17.30 10.15 11.88
C ALA A 115 -17.57 9.10 10.82
N LEU A 116 -16.59 8.24 10.51
CA LEU A 116 -16.72 7.29 9.41
C LEU A 116 -16.82 5.85 9.89
N ILE A 117 -17.05 5.63 11.18
CA ILE A 117 -16.83 4.29 11.73
C ILE A 117 -17.81 3.30 11.14
N SER A 118 -19.03 3.74 10.83
CA SER A 118 -20.03 2.83 10.27
C SER A 118 -19.71 2.45 8.84
N GLN A 119 -19.25 3.42 8.03
CA GLN A 119 -18.75 3.07 6.70
C GLN A 119 -17.52 2.18 6.79
N ALA A 120 -16.63 2.47 7.74
CA ALA A 120 -15.41 1.68 7.85
C ALA A 120 -15.77 0.23 8.18
N ARG A 121 -16.64 0.02 9.18
CA ARG A 121 -17.03 -1.35 9.53
C ARG A 121 -17.67 -2.04 8.35
N GLU A 122 -18.52 -1.33 7.60
CA GLU A 122 -19.17 -1.92 6.43
C GLU A 122 -18.16 -2.30 5.34
N ALA A 123 -17.21 -1.41 5.05
CA ALA A 123 -16.24 -1.74 4.00
C ALA A 123 -15.26 -2.81 4.50
N MET A 124 -14.88 -2.76 5.77
CA MET A 124 -13.98 -3.79 6.30
C MET A 124 -14.59 -5.18 6.17
N HIS A 125 -15.89 -5.30 6.44
CA HIS A 125 -16.56 -6.59 6.35
C HIS A 125 -16.64 -7.06 4.90
N THR A 126 -16.87 -6.13 3.98
CA THR A 126 -16.95 -6.50 2.57
C THR A 126 -15.61 -6.99 2.07
N ILE A 127 -14.51 -6.50 2.63
CA ILE A 127 -13.18 -6.87 2.15
C ILE A 127 -12.78 -8.23 2.70
N VAL A 128 -13.10 -8.52 3.96
CA VAL A 128 -12.66 -9.76 4.59
C VAL A 128 -13.52 -10.94 4.15
N THR A 129 -14.84 -10.81 4.21
CA THR A 129 -15.71 -11.92 3.81
C THR A 129 -15.96 -11.96 2.31
N GLY A 130 -15.90 -10.81 1.63
CA GLY A 130 -15.95 -10.78 0.18
C GLY A 130 -14.62 -11.07 -0.51
N ASP A 131 -13.54 -11.19 0.27
CA ASP A 131 -12.25 -11.64 -0.22
C ASP A 131 -11.71 -10.70 -1.30
N MET A 132 -11.49 -9.46 -0.89
CA MET A 132 -11.04 -8.40 -1.77
C MET A 132 -9.65 -7.94 -1.34
N SER A 133 -8.98 -7.24 -2.23
CA SER A 133 -7.62 -6.76 -1.95
C SER A 133 -7.26 -5.68 -2.96
N LYS A 134 -5.99 -5.30 -2.99
CA LYS A 134 -5.54 -4.29 -3.95
C LYS A 134 -5.71 -4.77 -5.39
N TYR A 135 -5.33 -6.01 -5.66
CA TYR A 135 -5.60 -6.69 -6.93
C TYR A 135 -6.63 -7.79 -6.69
N ASN A 136 -7.44 -8.06 -7.71
CA ASN A 136 -8.61 -8.90 -7.50
C ASN A 136 -8.87 -9.83 -8.68
N LEU A 137 -7.83 -10.45 -9.20
CA LEU A 137 -7.97 -11.52 -10.18
C LEU A 137 -7.42 -12.84 -9.70
N ALA A 138 -6.82 -12.89 -8.52
CA ALA A 138 -6.36 -14.15 -7.97
C ALA A 138 -7.56 -14.98 -7.50
N PRO A 139 -7.54 -16.29 -7.71
CA PRO A 139 -8.61 -17.13 -7.16
C PRO A 139 -8.36 -17.49 -5.70
N ALA A 140 -9.46 -17.83 -5.02
CA ALA A 140 -9.37 -18.16 -3.61
C ALA A 140 -8.40 -19.32 -3.40
N PHE A 141 -7.90 -19.43 -2.18
CA PHE A 141 -6.92 -20.46 -1.83
C PHE A 141 -7.62 -21.69 -1.26
N VAL A 142 -7.17 -22.86 -1.68
CA VAL A 142 -7.67 -24.13 -1.17
C VAL A 142 -6.48 -25.07 -0.97
N ALA A 143 -6.59 -25.94 0.03
CA ALA A 143 -5.54 -26.90 0.32
C ALA A 143 -6.06 -28.06 1.17
N ARG A 148 -0.63 -28.39 7.80
CA ARG A 148 -0.66 -28.23 9.26
C ARG A 148 -1.37 -26.93 9.64
N THR A 149 -1.99 -26.91 10.83
CA THR A 149 -2.80 -25.77 11.25
C THR A 149 -1.96 -24.61 11.78
N ASN A 150 -0.77 -24.88 12.32
CA ASN A 150 0.12 -23.82 12.80
C ASN A 150 0.98 -23.36 11.63
N ILE A 151 0.62 -22.22 11.05
CA ILE A 151 1.28 -21.69 9.87
C ILE A 151 1.69 -20.25 10.13
N VAL A 152 2.94 -19.92 9.83
CA VAL A 152 3.42 -18.55 9.88
C VAL A 152 3.61 -18.09 8.45
N LEU A 153 2.98 -16.98 8.11
CA LEU A 153 3.05 -16.40 6.78
C LEU A 153 4.17 -15.36 6.74
N VAL A 154 5.06 -15.50 5.78
CA VAL A 154 6.13 -14.54 5.50
C VAL A 154 5.84 -13.97 4.12
N VAL A 155 5.76 -12.65 4.02
CA VAL A 155 5.33 -12.00 2.80
C VAL A 155 6.54 -11.43 2.05
N ASP A 156 6.77 -11.93 0.83
CA ASP A 156 7.78 -11.37 -0.05
C ASP A 156 7.19 -10.15 -0.76
N GLN A 157 8.06 -9.40 -1.44
CA GLN A 157 7.66 -8.18 -2.11
C GLN A 157 8.44 -8.09 -3.40
N THR A 158 8.23 -7.00 -4.16
CA THR A 158 8.99 -6.77 -5.38
C THR A 158 10.32 -6.11 -5.08
N PHE A 159 11.38 -6.63 -5.66
CA PHE A 159 12.72 -6.14 -5.36
C PHE A 159 12.84 -4.66 -5.71
N ASN A 160 13.29 -3.86 -4.73
CA ASN A 160 13.54 -2.42 -4.86
C ASN A 160 12.24 -1.62 -4.94
N ASN A 161 11.12 -2.17 -4.50
CA ASN A 161 9.90 -1.40 -4.46
C ASN A 161 10.06 -0.22 -3.52
N MET A 162 9.43 0.92 -3.89
CA MET A 162 9.67 2.18 -3.17
CA MET A 162 9.64 2.19 -3.18
C MET A 162 9.13 2.16 -1.76
N SER A 163 8.21 1.24 -1.43
CA SER A 163 7.74 1.13 -0.05
C SER A 163 8.73 0.41 0.85
N VAL A 164 9.67 -0.32 0.26
CA VAL A 164 10.76 -0.88 1.06
C VAL A 164 11.84 0.16 1.30
N THR A 165 12.33 0.79 0.22
CA THR A 165 13.43 1.74 0.35
C THR A 165 13.06 2.94 1.21
N TYR A 166 11.88 3.53 1.00
CA TYR A 166 11.44 4.68 1.79
C TYR A 166 10.84 4.27 3.13
N GLY A 167 10.58 2.98 3.35
CA GLY A 167 10.19 2.47 4.66
C GLY A 167 11.39 1.95 5.43
N ASN A 168 12.58 2.45 5.07
CA ASN A 168 13.83 2.24 5.79
C ASN A 168 14.24 0.76 5.82
N ALA A 169 13.95 0.03 4.73
CA ALA A 169 14.24 -1.40 4.67
C ALA A 169 15.00 -1.72 3.38
N GLY A 170 15.28 -3.00 3.19
CA GLY A 170 16.07 -3.50 2.10
C GLY A 170 16.32 -4.98 2.28
N PRO A 171 17.21 -5.54 1.46
CA PRO A 171 17.42 -7.01 1.50
C PRO A 171 17.67 -7.55 2.90
N HIS A 172 18.34 -6.78 3.76
CA HIS A 172 18.66 -7.29 5.08
C HIS A 172 17.40 -7.60 5.90
N GLU A 173 16.43 -6.67 5.89
CA GLU A 173 15.24 -6.86 6.70
C GLU A 173 14.45 -8.08 6.26
N PHE A 174 14.52 -8.41 4.96
CA PHE A 174 13.89 -9.64 4.47
C PHE A 174 14.61 -10.88 4.99
N ALA A 175 15.96 -10.91 4.94
CA ALA A 175 16.65 -12.04 5.53
C ALA A 175 16.35 -12.12 7.03
N ALA A 176 16.36 -10.97 7.71
CA ALA A 176 16.11 -10.97 9.15
C ALA A 176 14.66 -11.40 9.44
N MET A 177 13.73 -10.98 8.60
CA MET A 177 12.32 -11.36 8.80
C MET A 177 12.17 -12.88 8.82
N LEU A 178 12.75 -13.56 7.83
CA LEU A 178 12.47 -14.99 7.70
C LEU A 178 13.24 -15.79 8.76
N GLU A 179 14.46 -15.38 9.08
CA GLU A 179 15.16 -16.06 10.16
C GLU A 179 14.41 -15.88 11.49
N ALA A 180 13.85 -14.69 11.71
CA ALA A 180 13.04 -14.47 12.90
C ALA A 180 11.79 -15.31 12.90
N ALA A 181 11.11 -15.39 11.75
CA ALA A 181 9.90 -16.22 11.67
C ALA A 181 10.22 -17.65 12.03
N MET A 182 11.28 -18.19 11.43
CA MET A 182 11.65 -19.58 11.72
C MET A 182 12.05 -19.78 13.18
N ALA A 183 12.78 -18.82 13.75
CA ALA A 183 13.37 -19.06 15.07
C ALA A 183 12.36 -18.82 16.18
N GLU A 184 11.41 -17.92 15.96
CA GLU A 184 10.44 -17.58 16.99
C GLU A 184 9.26 -18.54 17.02
N ASN A 185 9.11 -19.39 16.00
CA ASN A 185 7.99 -20.33 15.93
C ASN A 185 8.54 -21.71 15.62
N PRO A 186 9.31 -22.30 16.55
CA PRO A 186 10.11 -23.48 16.22
C PRO A 186 9.32 -24.62 15.58
N GLN A 187 8.06 -24.81 15.99
CA GLN A 187 7.25 -25.93 15.55
C GLN A 187 6.30 -25.58 14.42
N ALA A 188 6.14 -24.30 14.09
CA ALA A 188 5.23 -23.89 13.03
C ALA A 188 5.80 -24.23 11.66
N GLU A 189 4.89 -24.34 10.68
CA GLU A 189 5.29 -24.41 9.28
C GLU A 189 5.36 -22.99 8.70
N ILE A 190 6.41 -22.72 7.93
CA ILE A 190 6.68 -21.39 7.40
C ILE A 190 6.23 -21.34 5.95
N TRP A 191 5.37 -20.35 5.63
CA TRP A 191 4.81 -20.18 4.29
C TRP A 191 5.28 -18.85 3.72
N VAL A 192 6.00 -18.90 2.60
CA VAL A 192 6.56 -17.71 1.97
C VAL A 192 5.73 -17.44 0.71
N LYS A 193 4.98 -16.34 0.74
CA LYS A 193 4.12 -15.97 -0.39
C LYS A 193 4.85 -15.01 -1.32
N VAL A 194 4.94 -15.40 -2.60
CA VAL A 194 5.57 -14.57 -3.63
C VAL A 194 4.59 -13.48 -4.08
N HIS A 195 5.14 -12.33 -4.45
CA HIS A 195 4.31 -11.20 -4.88
C HIS A 195 3.76 -11.45 -6.28
N PRO A 196 2.52 -11.07 -6.55
CA PRO A 196 1.95 -11.37 -7.88
C PRO A 196 2.71 -10.76 -9.03
N ASP A 197 3.31 -9.58 -8.84
CA ASP A 197 4.13 -9.01 -9.90
C ASP A 197 5.30 -9.93 -10.26
N VAL A 198 5.87 -10.60 -9.26
CA VAL A 198 6.96 -11.56 -9.51
C VAL A 198 6.40 -12.77 -10.26
N LEU A 199 5.22 -13.27 -9.82
CA LEU A 199 4.55 -14.38 -10.51
C LEU A 199 4.19 -14.00 -11.93
N GLU A 200 3.86 -12.72 -12.16
CA GLU A 200 3.67 -12.21 -13.50
C GLU A 200 4.98 -12.10 -14.27
N GLY A 201 6.11 -12.39 -13.63
CA GLY A 201 7.41 -12.37 -14.31
C GLY A 201 7.91 -10.98 -14.64
N LYS A 202 7.26 -9.94 -14.12
CA LYS A 202 7.70 -8.56 -14.36
C LYS A 202 8.62 -8.03 -13.28
N LYS A 203 8.72 -8.70 -12.14
CA LYS A 203 9.64 -8.30 -11.08
C LYS A 203 10.34 -9.54 -10.52
N THR A 204 11.27 -9.30 -9.59
CA THR A 204 11.93 -10.36 -8.83
C THR A 204 11.69 -10.10 -7.34
N GLY A 205 11.84 -11.15 -6.55
CA GLY A 205 11.56 -11.08 -5.13
C GLY A 205 12.84 -10.91 -4.32
N TYR A 206 12.68 -10.80 -3.02
CA TYR A 206 13.82 -10.79 -2.13
C TYR A 206 14.25 -12.19 -1.75
N PHE A 207 13.38 -13.17 -1.92
CA PHE A 207 13.72 -14.56 -1.68
C PHE A 207 13.89 -15.32 -3.01
N ALA A 208 14.45 -14.63 -4.00
CA ALA A 208 14.69 -15.27 -5.30
C ALA A 208 15.48 -16.57 -5.14
N ASP A 209 16.54 -16.56 -4.33
CA ASP A 209 17.36 -17.75 -4.15
C ASP A 209 17.11 -18.44 -2.81
N LEU A 210 15.86 -18.41 -2.33
CA LEU A 210 15.50 -19.20 -1.17
C LEU A 210 15.49 -20.68 -1.51
N ARG A 211 16.08 -21.48 -0.63
CA ARG A 211 16.01 -22.93 -0.72
C ARG A 211 14.88 -23.42 0.17
N ALA A 212 13.87 -24.02 -0.42
CA ALA A 212 12.74 -24.51 0.36
C ALA A 212 13.13 -25.81 1.07
N THR A 213 12.53 -26.01 2.24
CA THR A 213 12.70 -27.24 3.00
C THR A 213 11.33 -27.90 3.21
N GLN A 214 11.24 -28.78 4.21
CA GLN A 214 9.96 -29.38 4.59
C GLN A 214 9.17 -28.46 5.50
N ARG A 215 9.85 -27.69 6.34
CA ARG A 215 9.24 -26.72 7.22
C ARG A 215 9.00 -25.38 6.53
N VAL A 216 9.83 -25.02 5.56
CA VAL A 216 9.71 -23.77 4.82
C VAL A 216 9.12 -24.11 3.46
N ARG A 217 7.83 -23.82 3.30
CA ARG A 217 7.11 -24.08 2.06
CA ARG A 217 7.10 -24.09 2.06
C ARG A 217 6.97 -22.79 1.26
N LEU A 218 7.21 -22.88 -0.03
CA LEU A 218 7.10 -21.74 -0.94
C LEU A 218 5.74 -21.77 -1.63
N ILE A 219 5.00 -20.67 -1.51
CA ILE A 219 3.70 -20.54 -2.17
C ILE A 219 3.86 -19.62 -3.35
N ALA A 220 4.16 -20.19 -4.52
CA ALA A 220 4.31 -19.44 -5.77
C ALA A 220 3.02 -19.46 -6.59
N GLU A 221 1.88 -19.29 -5.95
CA GLU A 221 0.58 -19.30 -6.60
C GLU A 221 -0.09 -17.97 -6.33
N ASN A 222 -0.79 -17.44 -7.33
CA ASN A 222 -1.50 -16.18 -7.17
C ASN A 222 -2.85 -16.50 -6.52
N VAL A 223 -2.98 -16.22 -5.22
CA VAL A 223 -4.20 -16.49 -4.49
C VAL A 223 -4.61 -15.24 -3.72
N SER A 224 -5.91 -15.09 -3.50
CA SER A 224 -6.42 -13.89 -2.89
C SER A 224 -5.98 -13.80 -1.44
N PRO A 225 -5.61 -12.62 -0.95
CA PRO A 225 -5.07 -12.53 0.42
C PRO A 225 -6.01 -13.06 1.50
N GLN A 226 -7.25 -12.57 1.55
CA GLN A 226 -8.10 -12.91 2.69
C GLN A 226 -8.35 -14.40 2.77
N SER A 227 -8.46 -15.08 1.62
CA SER A 227 -8.70 -16.53 1.65
C SER A 227 -7.48 -17.26 2.21
N LEU A 228 -6.28 -16.92 1.76
CA LEU A 228 -5.07 -17.53 2.32
C LEU A 228 -4.91 -17.18 3.79
N LEU A 229 -5.24 -15.94 4.16
CA LEU A 229 -5.06 -15.52 5.55
C LEU A 229 -5.91 -16.36 6.50
N ARG A 230 -7.05 -16.89 6.03
CA ARG A 230 -7.90 -17.69 6.89
CA ARG A 230 -7.89 -17.67 6.91
C ARG A 230 -7.20 -18.94 7.42
N HIS A 231 -6.07 -19.32 6.81
CA HIS A 231 -5.36 -20.55 7.17
C HIS A 231 -4.04 -20.26 7.87
N VAL A 232 -3.88 -19.09 8.46
CA VAL A 232 -2.60 -18.62 8.96
C VAL A 232 -2.77 -18.18 10.41
N SER A 233 -1.76 -18.40 11.22
CA SER A 233 -1.80 -18.05 12.63
C SER A 233 -1.25 -16.65 12.90
N ARG A 234 -0.27 -16.20 12.12
CA ARG A 234 0.35 -14.91 12.31
C ARG A 234 1.12 -14.58 11.04
N VAL A 235 1.43 -13.30 10.87
CA VAL A 235 2.04 -12.82 9.63
C VAL A 235 3.25 -11.99 9.93
N TYR A 236 4.30 -12.21 9.14
CA TYR A 236 5.53 -11.43 9.16
C TYR A 236 5.61 -10.64 7.86
N VAL A 237 5.86 -9.35 7.97
CA VAL A 237 6.07 -8.50 6.81
C VAL A 237 7.30 -7.62 7.02
N VAL A 238 7.80 -7.10 5.89
CA VAL A 238 8.74 -5.97 5.89
C VAL A 238 7.89 -4.70 5.75
N THR A 239 7.38 -4.41 4.55
CA THR A 239 6.47 -3.24 4.45
C THR A 239 5.19 -3.46 3.63
N SER A 240 4.87 -4.71 3.32
CA SER A 240 3.83 -4.97 2.33
C SER A 240 2.46 -4.53 2.85
N GLN A 241 1.62 -4.09 1.92
CA GLN A 241 0.20 -3.86 2.25
C GLN A 241 -0.45 -5.10 2.83
N TYR A 242 0.08 -6.29 2.53
CA TYR A 242 -0.44 -7.52 3.12
CA TYR A 242 -0.42 -7.53 3.12
C TYR A 242 -0.53 -7.41 4.63
N GLY A 243 0.39 -6.69 5.26
CA GLY A 243 0.36 -6.55 6.72
C GLY A 243 -0.90 -5.93 7.25
N PHE A 244 -1.38 -4.85 6.61
CA PHE A 244 -2.62 -4.25 7.07
C PHE A 244 -3.79 -5.17 6.79
N GLU A 245 -3.77 -5.84 5.61
CA GLU A 245 -4.85 -6.77 5.29
C GLU A 245 -4.92 -7.93 6.29
N ALA A 246 -3.77 -8.32 6.84
CA ALA A 246 -3.72 -9.34 7.88
C ALA A 246 -4.39 -8.83 9.15
N LEU A 247 -4.12 -7.58 9.53
CA LEU A 247 -4.83 -7.00 10.68
C LEU A 247 -6.35 -7.01 10.45
N LEU A 248 -6.80 -6.74 9.21
CA LEU A 248 -8.22 -6.78 8.91
C LEU A 248 -8.75 -8.20 9.08
N ALA A 249 -7.94 -9.20 8.71
CA ALA A 249 -8.29 -10.58 8.94
C ALA A 249 -8.22 -10.99 10.39
N GLY A 250 -7.80 -10.08 11.27
CA GLY A 250 -7.68 -10.40 12.68
C GLY A 250 -6.49 -11.25 13.05
N LYS A 251 -5.37 -11.10 12.36
CA LYS A 251 -4.16 -11.88 12.64
C LYS A 251 -3.06 -11.01 13.24
N PRO A 252 -2.18 -11.59 14.06
CA PRO A 252 -1.04 -10.81 14.56
C PRO A 252 -0.01 -10.56 13.46
N VAL A 253 0.59 -9.39 13.48
CA VAL A 253 1.48 -8.94 12.41
C VAL A 253 2.77 -8.42 13.04
N THR A 254 3.90 -9.00 12.63
CA THR A 254 5.25 -8.55 12.98
C THR A 254 5.84 -7.78 11.79
N CYS A 255 6.32 -6.56 12.03
CA CYS A 255 6.83 -5.69 10.98
C CYS A 255 8.33 -5.48 11.14
N PHE A 256 9.05 -5.58 10.02
CA PHE A 256 10.50 -5.39 10.03
C PHE A 256 10.96 -4.15 9.28
N GLY A 257 10.11 -3.59 8.43
CA GLY A 257 10.29 -2.24 7.93
C GLY A 257 9.33 -1.31 8.63
N GLN A 258 9.15 -0.12 8.03
CA GLN A 258 8.32 0.92 8.63
C GLN A 258 7.17 1.38 7.71
N PRO A 259 6.22 0.47 7.44
CA PRO A 259 5.10 0.83 6.56
C PRO A 259 4.12 1.82 7.18
N TRP A 260 3.12 2.24 6.41
CA TRP A 260 2.22 3.29 6.84
C TRP A 260 1.38 2.89 8.03
N TYR A 261 1.18 1.56 8.25
CA TYR A 261 0.33 1.06 9.33
C TYR A 261 1.13 0.55 10.54
N ALA A 262 2.46 0.76 10.56
CA ALA A 262 3.28 0.36 11.70
C ALA A 262 3.37 1.50 12.72
N SER A 263 3.76 1.14 13.94
CA SER A 263 4.06 2.11 15.03
C SER A 263 2.81 2.89 15.45
N TRP A 264 1.63 2.30 15.26
CA TRP A 264 0.40 2.89 15.80
C TRP A 264 -0.07 2.15 17.03
N GLY A 265 0.67 1.13 17.46
CA GLY A 265 0.22 0.31 18.58
C GLY A 265 -0.45 -0.99 18.21
N LEU A 266 -0.56 -1.30 16.90
CA LEU A 266 -1.29 -2.47 16.45
C LEU A 266 -0.41 -3.61 15.95
N THR A 267 0.90 -3.37 15.78
CA THR A 267 1.81 -4.29 15.14
C THR A 267 2.98 -4.55 16.06
N ASP A 268 3.57 -5.74 15.90
CA ASP A 268 4.81 -6.12 16.59
C ASP A 268 5.94 -5.61 15.73
N ASP A 269 6.46 -4.42 16.08
CA ASP A 269 7.39 -3.69 15.23
C ASP A 269 8.82 -3.99 15.64
N ARG A 270 9.63 -4.38 14.67
CA ARG A 270 11.02 -4.76 14.96
C ARG A 270 12.02 -3.76 14.41
N HIS A 271 11.62 -2.79 13.64
CA HIS A 271 12.63 -1.94 13.03
C HIS A 271 13.36 -1.18 14.13
N PRO A 272 14.66 -0.95 13.99
CA PRO A 272 15.40 -0.22 15.02
C PRO A 272 14.86 1.15 15.37
N GLN A 273 14.22 1.83 14.43
CA GLN A 273 13.70 3.18 14.68
C GLN A 273 12.21 3.15 15.04
N SER A 274 11.72 1.98 15.44
CA SER A 274 10.31 1.83 15.78
C SER A 274 9.91 2.81 16.88
N ALA A 275 10.71 2.91 17.93
CA ALA A 275 10.31 3.79 19.03
C ALA A 275 10.22 5.24 18.59
N LEU A 276 11.16 5.69 17.75
CA LEU A 276 11.15 7.05 17.24
C LEU A 276 9.89 7.32 16.42
N LEU A 277 9.55 6.40 15.52
CA LEU A 277 8.38 6.59 14.66
C LEU A 277 7.10 6.49 15.47
N SER A 278 7.06 5.59 16.45
CA SER A 278 5.86 5.47 17.28
C SER A 278 5.64 6.75 18.10
N ALA A 279 6.73 7.35 18.60
CA ALA A 279 6.59 8.61 19.33
C ALA A 279 5.96 9.65 18.44
N ARG A 280 6.38 9.75 17.18
CA ARG A 280 5.82 10.75 16.28
C ARG A 280 4.35 10.45 15.96
N ARG A 281 3.99 9.16 15.80
CA ARG A 281 2.64 8.81 15.36
C ARG A 281 1.60 8.76 16.47
N GLY A 282 1.95 8.32 17.67
CA GLY A 282 0.94 8.07 18.66
C GLY A 282 0.17 6.78 18.36
N SER A 283 -1.00 6.68 18.98
CA SER A 283 -1.82 5.48 18.94
CA SER A 283 -1.82 5.48 18.92
C SER A 283 -3.00 5.66 17.99
N ALA A 284 -3.49 4.54 17.47
CA ALA A 284 -4.66 4.53 16.62
C ALA A 284 -5.32 3.16 16.59
N THR A 285 -6.65 3.15 16.46
CA THR A 285 -7.40 1.91 16.36
C THR A 285 -7.41 1.41 14.93
N LEU A 286 -7.77 0.13 14.78
CA LEU A 286 -7.84 -0.45 13.43
C LEU A 286 -8.82 0.31 12.59
N GLU A 287 -9.99 0.65 13.16
CA GLU A 287 -11.02 1.34 12.37
C GLU A 287 -10.58 2.77 12.03
N GLU A 288 -9.79 3.40 12.89
CA GLU A 288 -9.27 4.71 12.55
C GLU A 288 -8.35 4.59 11.36
N LEU A 289 -7.41 3.62 11.41
CA LEU A 289 -6.49 3.42 10.32
CA LEU A 289 -6.49 3.43 10.31
C LEU A 289 -7.24 3.13 9.04
N PHE A 290 -8.30 2.30 9.12
CA PHE A 290 -8.98 1.92 7.88
C PHE A 290 -9.72 3.11 7.31
N ALA A 291 -10.43 3.86 8.15
CA ALA A 291 -11.15 5.02 7.65
C ALA A 291 -10.20 6.04 7.03
N ALA A 292 -9.05 6.28 7.69
CA ALA A 292 -8.12 7.27 7.16
C ALA A 292 -7.58 6.86 5.82
N ALA A 293 -7.15 5.63 5.72
CA ALA A 293 -6.49 5.18 4.50
C ALA A 293 -7.48 4.91 3.38
N TYR A 294 -8.49 4.10 3.64
CA TYR A 294 -9.35 3.62 2.54
C TYR A 294 -10.45 4.60 2.18
N LEU A 295 -10.86 5.45 3.13
CA LEU A 295 -12.01 6.32 2.88
C LEU A 295 -11.65 7.79 2.67
N ARG A 296 -10.58 8.26 3.28
CA ARG A 296 -10.20 9.67 3.21
C ARG A 296 -8.98 9.93 2.36
N TYR A 297 -7.96 9.05 2.41
CA TYR A 297 -6.74 9.28 1.67
C TYR A 297 -6.86 8.85 0.21
N CYS A 298 -7.63 7.79 -0.03
CA CYS A 298 -7.80 7.22 -1.37
C CYS A 298 -9.00 7.88 -2.01
N ARG A 299 -8.89 8.10 -3.32
CA ARG A 299 -10.01 8.62 -4.11
C ARG A 299 -10.36 7.56 -5.15
N TYR A 300 -11.61 7.57 -5.60
CA TYR A 300 -12.16 6.52 -6.43
C TYR A 300 -12.88 7.12 -7.62
N ILE A 301 -12.91 6.37 -8.73
CA ILE A 301 -13.74 6.73 -9.87
C ILE A 301 -14.67 5.57 -10.15
N ASP A 302 -15.78 5.89 -10.81
CA ASP A 302 -16.78 4.89 -11.16
C ASP A 302 -16.28 4.06 -12.34
N PRO A 303 -16.13 2.75 -12.18
CA PRO A 303 -15.49 1.95 -13.24
C PRO A 303 -16.25 1.92 -14.54
N GLN A 304 -17.54 2.24 -14.56
CA GLN A 304 -18.29 2.21 -15.80
C GLN A 304 -18.31 3.56 -16.48
N THR A 305 -18.20 4.66 -15.72
CA THR A 305 -18.36 5.99 -16.27
C THR A 305 -17.12 6.86 -16.12
N GLY A 306 -16.23 6.51 -15.21
CA GLY A 306 -15.08 7.36 -14.90
C GLY A 306 -15.38 8.53 -13.99
N GLU A 307 -16.65 8.79 -13.65
CA GLU A 307 -16.96 9.87 -12.75
C GLU A 307 -16.47 9.59 -11.33
N VAL A 308 -16.24 10.67 -10.58
CA VAL A 308 -15.88 10.54 -9.17
C VAL A 308 -16.85 9.61 -8.43
N SER A 309 -16.32 8.72 -7.61
CA SER A 309 -17.12 7.70 -6.98
C SER A 309 -16.61 7.51 -5.54
N ASP A 310 -16.89 6.34 -4.97
CA ASP A 310 -16.45 6.04 -3.61
C ASP A 310 -16.01 4.59 -3.49
N LEU A 311 -15.46 4.24 -2.33
CA LEU A 311 -14.94 2.88 -2.15
C LEU A 311 -16.02 1.85 -2.40
N PHE A 312 -17.24 2.10 -1.88
CA PHE A 312 -18.27 1.08 -1.94
C PHE A 312 -18.67 0.77 -3.38
N THR A 313 -18.75 1.81 -4.23
CA THR A 313 -19.08 1.54 -5.63
C THR A 313 -18.01 0.68 -6.28
N VAL A 314 -16.73 0.96 -5.99
CA VAL A 314 -15.65 0.21 -6.63
C VAL A 314 -15.59 -1.20 -6.07
N LEU A 315 -15.79 -1.35 -4.75
CA LEU A 315 -15.85 -2.70 -4.18
C LEU A 315 -16.92 -3.54 -4.85
N GLN A 316 -18.14 -2.99 -4.95
CA GLN A 316 -19.23 -3.67 -5.63
C GLN A 316 -18.83 -4.13 -7.02
N TRP A 317 -18.36 -3.19 -7.85
CA TRP A 317 -18.02 -3.53 -9.23
C TRP A 317 -16.86 -4.52 -9.30
N LEU A 318 -15.97 -4.52 -8.32
CA LEU A 318 -14.86 -5.46 -8.35
C LEU A 318 -15.29 -6.87 -7.93
N GLN A 319 -16.44 -7.01 -7.29
CA GLN A 319 -16.80 -8.25 -6.62
C GLN A 319 -17.44 -9.26 -7.55
N LEU A 320 -18.10 -8.82 -8.62
CA LEU A 320 -18.75 -9.76 -9.52
C LEU A 320 -17.77 -10.45 -10.46
N GLN A 321 -16.52 -10.01 -10.52
CA GLN A 321 -15.53 -10.66 -11.36
C GLN A 321 -14.47 -11.39 -10.53
O3P C5P B . 2.88 -4.34 -3.10
P C5P B . 2.54 -4.82 -1.71
O1P C5P B . 2.63 -3.62 -0.78
O2P C5P B . 3.44 -5.87 -1.20
O5' C5P B . 1.04 -5.57 -1.73
C5' C5P B . 0.08 -5.19 -2.60
C4' C5P B . -0.85 -6.15 -2.89
O4' C5P B . -0.13 -7.35 -3.61
C3' C5P B . -1.51 -6.88 -1.66
O3' C5P B . -2.70 -6.13 -1.25
C2' C5P B . -1.83 -8.06 -2.08
O2' C5P B . -3.02 -8.08 -2.91
C1' C5P B . -0.65 -8.48 -3.17
N1 C5P B . 0.39 -9.27 -2.61
C2 C5P B . 0.25 -10.73 -2.57
N3 C5P B . 1.34 -11.55 -2.03
C4 C5P B . 2.55 -10.92 -1.54
C5 C5P B . 2.68 -9.47 -1.57
C6 C5P B . 1.58 -8.63 -2.12
O2 C5P B . -0.76 -11.25 -2.98
N4 C5P B . 3.63 -11.71 -1.02
H5'1 C5P B . 0.53 -4.91 -3.49
H5'2 C5P B . -0.42 -4.38 -2.20
H4' C5P B . -1.66 -5.65 -3.46
H3' C5P B . -0.79 -6.98 -0.82
HO3' C5P B . -2.56 -5.77 -0.43
H2'1 C5P B . -1.91 -8.71 -1.16
HO2' C5P B . -3.44 -9.00 -2.86
H1' C5P B . -1.16 -9.06 -4.00
H5 C5P B . 3.58 -9.01 -1.19
H6 C5P B . 1.67 -7.54 -2.13
HN41 C5P B . 4.48 -11.25 -0.64
HN42 C5P B . 3.55 -12.73 -0.94
C1 KDO C . 6.35 0.78 -6.04
O1A KDO C . 7.56 1.14 -6.02
O1B KDO C . 5.60 1.17 -6.98
C2 KDO C . 5.77 -0.17 -4.95
C3 KDO C . 5.08 0.70 -3.89
C4 KDO C . 4.21 -0.11 -2.99
O4 KDO C . 3.58 0.76 -2.00
C5 KDO C . 3.18 -0.86 -3.76
O5 KDO C . 2.37 0.12 -4.39
C6 KDO C . 3.85 -1.73 -4.80
O6 KDO C . 4.70 -0.90 -5.69
C7 KDO C . 2.81 -2.39 -5.66
O7 KDO C . 1.82 -2.95 -4.81
C8 KDO C . 3.48 -3.47 -6.50
O8 KDO C . 2.55 -4.10 -7.32
H31 KDO C . 5.76 1.14 -3.36
H32 KDO C . 4.54 1.37 -4.34
H4 KDO C . 4.76 -0.74 -2.49
HO4 KDO C . 3.64 0.41 -1.23
H5 KDO C . 2.63 -1.42 -3.19
HO5 KDO C . 1.92 0.52 -3.80
H6 KDO C . 4.37 -2.42 -4.36
H7 KDO C . 2.39 -1.76 -6.27
HO7 KDO C . 1.70 -3.77 -5.02
H81 KDO C . 4.17 -3.08 -7.05
H82 KDO C . 3.89 -4.13 -5.91
C1 KDO D . 3.57 6.33 -13.61
O1A KDO D . 3.99 6.03 -12.48
O1B KDO D . 3.84 7.46 -14.12
C2 KDO D . 2.76 5.29 -14.38
O2 KDO D . 2.62 5.70 -15.68
C3 KDO D . 3.61 4.03 -14.41
C4 KDO D . 3.23 3.16 -13.28
O4 KDO D . 3.27 3.98 -12.06
C5 KDO D . 1.82 2.62 -13.42
O5 KDO D . 1.32 2.29 -12.12
C6 KDO D . 0.94 3.69 -14.09
O6 KDO D . 1.41 5.04 -13.73
C7 KDO D . -0.49 3.39 -13.78
O7 KDO D . -1.29 3.79 -14.90
C8 KDO D . -0.99 4.09 -12.53
O8 KDO D . -1.38 3.06 -11.69
HO2 KDO D . 2.18 6.44 -15.69
H31 KDO D . 4.54 4.27 -14.33
H32 KDO D . 3.47 3.56 -15.24
H4 KDO D . 3.83 2.41 -13.22
HO4 KDO D . 3.79 3.60 -11.49
H5 KDO D . 1.81 1.81 -13.94
HO5 KDO D . 1.54 1.49 -11.93
H6 KDO D . 0.97 3.67 -15.06
H7 KDO D . -0.56 2.44 -13.60
HO7 KDO D . -1.74 3.14 -15.19
H81 KDO D . -0.28 4.61 -12.13
H82 KDO D . -1.74 4.67 -12.75
HO8 KDO D . -2.00 3.34 -11.17
CL CL E . -22.59 3.48 2.02
#